data_6F86
#
_entry.id   6F86
#
_cell.length_a   99.340
_cell.length_b   99.340
_cell.length_c   50.210
_cell.angle_alpha   90.000
_cell.angle_beta   90.000
_cell.angle_gamma   120.000
#
_symmetry.space_group_name_H-M   'P 32 2 1'
#
loop_
_entity.id
_entity.type
_entity.pdbx_description
1 polymer 'DNA gyrase subunit B'
2 non-polymer 4-(4-bromanylpyrazol-1-yl)-6-(ethylcarbamoylamino)-~{N}-pyridin-3-yl-pyridine-3-carboxamide
3 water water
#
_entity_poly.entity_id   1
_entity_poly.type   'polypeptide(L)'
_entity_poly.pdbx_seq_one_letter_code
;GLDAVRKRPGMYIGDTDDGTGLHHMVFEVVDNAIDEALAGHCKEIIVTIHADNSVSVQDDGRGIPTGIHPEEGVSAAEVI
MTVLHAGGKFDDNSYKVSGGLHGVGVSVVNALSQKLELVIQREGKIHRQIYEHGVPQAPLAVTGETEKTGTMVRFWPSLE
TFTNVTEFEYEILAKRLRELSFLNSGVSIRLRDKRDGKEDHFHYEG
;
_entity_poly.pdbx_strand_id   A
#
loop_
_chem_comp.id
_chem_comp.type
_chem_comp.name
_chem_comp.formula
CWW non-polymer 4-(4-bromanylpyrazol-1-yl)-6-(ethylcarbamoylamino)-~{N}-pyridin-3-yl-pyridine-3-carboxamide 'C17 H16 Br N7 O2'
#
# COMPACT_ATOMS: atom_id res chain seq x y z
N GLY A 1 -5.91 19.54 2.85
CA GLY A 1 -4.83 18.67 3.40
C GLY A 1 -4.23 17.80 2.32
N LEU A 2 -5.10 17.07 1.62
CA LEU A 2 -4.67 16.29 0.46
C LEU A 2 -4.20 17.28 -0.60
N ASP A 3 -4.88 18.44 -0.71
CA ASP A 3 -4.44 19.52 -1.57
C ASP A 3 -2.99 19.93 -1.25
N ALA A 4 -2.67 20.10 0.02
CA ALA A 4 -1.32 20.45 0.48
C ALA A 4 -0.25 19.48 -0.03
N VAL A 5 -0.54 18.20 0.09
CA VAL A 5 0.39 17.16 -0.32
C VAL A 5 0.54 17.17 -1.85
N ARG A 6 -0.57 17.34 -2.55
CA ARG A 6 -0.54 17.50 -4.02
C ARG A 6 0.19 18.76 -4.53
N LYS A 7 0.17 19.84 -3.74
CA LYS A 7 0.91 21.07 -4.07
C LYS A 7 2.41 20.92 -3.90
N ARG A 8 2.86 20.29 -2.82
CA ARG A 8 4.29 20.10 -2.59
C ARG A 8 4.62 18.64 -2.33
N PRO A 9 4.47 17.80 -3.35
CA PRO A 9 4.65 16.36 -3.15
C PRO A 9 6.05 15.97 -2.71
N GLY A 10 7.05 16.65 -3.27
CA GLY A 10 8.43 16.37 -2.97
C GLY A 10 8.76 16.54 -1.51
N MET A 11 8.10 17.48 -0.84
CA MET A 11 8.25 17.64 0.62
C MET A 11 7.86 16.38 1.39
N TYR A 12 6.77 15.75 0.94
CA TYR A 12 6.19 14.61 1.65
C TYR A 12 6.79 13.27 1.23
N ILE A 13 7.01 13.08 -0.07
CA ILE A 13 7.35 11.74 -0.56
C ILE A 13 8.80 11.60 -1.05
N GLY A 14 9.52 12.71 -1.28
CA GLY A 14 10.86 12.69 -1.88
C GLY A 14 10.81 13.13 -3.33
N ASP A 15 11.97 13.14 -3.99
CA ASP A 15 12.10 13.72 -5.32
C ASP A 15 11.17 13.00 -6.33
N THR A 16 10.33 13.76 -7.01
CA THR A 16 9.31 13.26 -7.92
C THR A 16 9.76 13.05 -9.37
N ASP A 17 11.02 13.38 -9.63
CA ASP A 17 11.60 13.49 -10.97
C ASP A 17 12.69 12.43 -11.27
N ASP A 18 13.05 11.61 -10.30
CA ASP A 18 14.12 10.64 -10.48
C ASP A 18 13.77 9.24 -9.96
N GLY A 19 12.49 9.00 -9.68
CA GLY A 19 12.03 7.73 -9.14
C GLY A 19 12.14 7.51 -7.64
N THR A 20 12.76 8.43 -6.89
CA THR A 20 12.93 8.26 -5.43
C THR A 20 11.59 8.21 -4.75
N GLY A 21 10.83 9.28 -4.98
CA GLY A 21 9.52 9.44 -4.40
C GLY A 21 8.59 8.34 -4.85
N LEU A 22 8.69 7.96 -6.13
CA LEU A 22 7.83 6.92 -6.69
C LEU A 22 7.94 5.64 -5.87
N HIS A 23 9.17 5.24 -5.62
CA HIS A 23 9.42 4.04 -4.83
C HIS A 23 9.15 4.17 -3.35
N HIS A 24 9.38 5.37 -2.79
CA HIS A 24 8.99 5.66 -1.41
CA HIS A 24 9.02 5.64 -1.41
C HIS A 24 7.51 5.36 -1.16
N MET A 25 6.68 5.60 -2.19
CA MET A 25 5.22 5.33 -2.14
C MET A 25 4.96 3.88 -1.78
N VAL A 26 5.69 2.98 -2.43
CA VAL A 26 5.58 1.56 -2.17
C VAL A 26 6.03 1.27 -0.74
N PHE A 27 7.18 1.82 -0.37
CA PHE A 27 7.72 1.53 0.95
C PHE A 27 6.82 2.00 2.10
N GLU A 28 6.10 3.11 1.94
CA GLU A 28 5.15 3.59 2.96
C GLU A 28 4.00 2.58 3.16
N VAL A 29 3.49 2.04 2.06
CA VAL A 29 2.46 1.03 2.17
C VAL A 29 3.00 -0.24 2.86
N VAL A 30 4.13 -0.73 2.40
CA VAL A 30 4.78 -1.87 3.01
C VAL A 30 5.05 -1.67 4.52
N ASP A 31 5.51 -0.48 4.90
CA ASP A 31 5.75 -0.17 6.33
C ASP A 31 4.52 -0.39 7.23
N ASN A 32 3.34 -0.10 6.70
CA ASN A 32 2.11 -0.39 7.41
C ASN A 32 1.89 -1.88 7.64
N ALA A 33 2.19 -2.71 6.64
CA ALA A 33 2.13 -4.15 6.78
C ALA A 33 3.20 -4.69 7.74
N ILE A 34 4.41 -4.12 7.66
CA ILE A 34 5.50 -4.48 8.56
C ILE A 34 5.09 -4.21 10.01
N ASP A 35 4.46 -3.07 10.26
CA ASP A 35 3.96 -2.75 11.60
C ASP A 35 2.96 -3.80 12.09
N GLU A 36 2.09 -4.27 11.20
CA GLU A 36 1.22 -5.38 11.54
C GLU A 36 1.99 -6.68 11.84
N ALA A 37 3.09 -6.92 11.11
CA ALA A 37 4.02 -8.02 11.42
C ALA A 37 4.71 -7.87 12.76
N LEU A 38 5.19 -6.66 13.08
CA LEU A 38 5.81 -6.39 14.38
C LEU A 38 4.85 -6.56 15.54
N ALA A 39 3.57 -6.27 15.31
CA ALA A 39 2.52 -6.53 16.31
C ALA A 39 2.21 -8.02 16.48
N GLY A 40 2.76 -8.86 15.61
CA GLY A 40 2.65 -10.31 15.73
C GLY A 40 1.47 -10.91 14.98
N HIS A 41 0.82 -10.14 14.12
CA HIS A 41 -0.40 -10.57 13.47
C HIS A 41 -0.29 -10.78 11.96
N CYS A 42 0.89 -10.59 11.38
CA CYS A 42 1.07 -10.78 9.92
C CYS A 42 2.33 -11.59 9.71
N LYS A 43 2.21 -12.68 8.95
CA LYS A 43 3.36 -13.55 8.64
C LYS A 43 3.91 -13.38 7.21
N GLU A 44 3.09 -12.89 6.28
CA GLU A 44 3.50 -12.78 4.88
C GLU A 44 3.01 -11.48 4.21
N ILE A 45 3.91 -10.89 3.42
CA ILE A 45 3.58 -9.68 2.69
C ILE A 45 3.92 -9.99 1.25
N ILE A 46 2.99 -9.72 0.35
CA ILE A 46 3.23 -9.95 -1.08
C ILE A 46 3.15 -8.62 -1.76
N VAL A 47 4.24 -8.25 -2.46
CA VAL A 47 4.28 -7.04 -3.22
C VAL A 47 4.31 -7.42 -4.69
N THR A 48 3.36 -6.89 -5.47
CA THR A 48 3.23 -7.21 -6.86
C THR A 48 3.31 -5.95 -7.71
N ILE A 49 4.21 -5.96 -8.70
CA ILE A 49 4.27 -4.94 -9.73
C ILE A 49 3.41 -5.47 -10.86
N HIS A 50 2.27 -4.81 -11.09
CA HIS A 50 1.34 -5.24 -12.12
C HIS A 50 1.77 -4.68 -13.46
N ALA A 51 1.11 -5.13 -14.52
CA ALA A 51 1.44 -4.67 -15.87
C ALA A 51 0.68 -3.42 -16.37
N ASP A 52 -0.09 -2.78 -15.47
CA ASP A 52 -0.87 -1.59 -15.77
C ASP A 52 -0.40 -0.37 -14.93
N ASN A 53 0.87 -0.36 -14.56
CA ASN A 53 1.50 0.78 -13.84
C ASN A 53 0.92 0.94 -12.40
N SER A 54 0.50 -0.16 -11.79
CA SER A 54 0.10 -0.16 -10.36
C SER A 54 0.98 -1.10 -9.62
N VAL A 55 1.08 -0.89 -8.31
CA VAL A 55 1.68 -1.83 -7.38
C VAL A 55 0.61 -2.21 -6.31
N SER A 56 0.63 -3.46 -5.91
CA SER A 56 -0.23 -3.93 -4.80
C SER A 56 0.64 -4.47 -3.70
N VAL A 57 0.21 -4.21 -2.47
CA VAL A 57 0.84 -4.75 -1.30
C VAL A 57 -0.30 -5.48 -0.54
N GLN A 58 -0.12 -6.79 -0.30
CA GLN A 58 -1.13 -7.62 0.37
C GLN A 58 -0.46 -8.21 1.59
N ASP A 59 -1.11 -8.12 2.74
CA ASP A 59 -0.66 -8.80 3.95
C ASP A 59 -1.74 -9.79 4.45
N ASP A 60 -1.36 -10.63 5.39
CA ASP A 60 -2.29 -11.63 5.98
C ASP A 60 -2.57 -11.29 7.46
N GLY A 61 -2.58 -9.99 7.76
CA GLY A 61 -2.85 -9.52 9.12
C GLY A 61 -4.33 -9.48 9.49
N ARG A 62 -4.64 -8.71 10.52
CA ARG A 62 -6.00 -8.61 11.03
C ARG A 62 -6.97 -7.88 10.12
N GLY A 63 -6.46 -7.11 9.17
CA GLY A 63 -7.28 -6.22 8.37
C GLY A 63 -7.36 -4.86 9.03
N ILE A 64 -7.30 -3.81 8.22
CA ILE A 64 -7.67 -2.49 8.66
C ILE A 64 -9.14 -2.53 9.21
N PRO A 65 -9.40 -1.82 10.30
CA PRO A 65 -10.77 -1.77 10.83
C PRO A 65 -11.79 -1.19 9.85
N THR A 66 -12.97 -1.78 9.86
CA THR A 66 -14.00 -1.49 8.90
C THR A 66 -15.22 -0.85 9.55
N GLY A 67 -15.21 -0.64 10.87
CA GLY A 67 -16.36 -0.02 11.52
C GLY A 67 -16.63 1.41 11.07
N ILE A 68 -17.84 1.86 11.33
CA ILE A 68 -18.29 3.19 10.97
C ILE A 68 -18.53 3.92 12.27
N HIS A 69 -18.20 5.22 12.28
CA HIS A 69 -18.58 6.07 13.36
C HIS A 69 -20.03 6.46 13.10
N PRO A 70 -20.97 6.08 14.01
CA PRO A 70 -22.41 6.29 13.74
C PRO A 70 -22.85 7.73 13.49
N GLU A 71 -22.35 8.72 14.22
CA GLU A 71 -22.69 10.15 13.93
C GLU A 71 -21.99 10.75 12.70
N GLU A 72 -20.80 10.30 12.36
CA GLU A 72 -20.10 10.84 11.20
C GLU A 72 -20.43 10.09 9.92
N GLY A 73 -20.74 8.81 10.03
CA GLY A 73 -21.02 7.98 8.85
C GLY A 73 -19.81 7.75 7.97
N VAL A 74 -18.64 7.72 8.57
CA VAL A 74 -17.41 7.47 7.86
C VAL A 74 -16.70 6.29 8.51
N SER A 75 -16.15 5.40 7.70
CA SER A 75 -15.48 4.25 8.21
C SER A 75 -14.12 4.62 8.74
N ALA A 76 -13.63 3.80 9.66
CA ALA A 76 -12.26 3.90 10.12
C ALA A 76 -11.23 3.84 8.97
N ALA A 77 -11.48 2.95 8.03
CA ALA A 77 -10.60 2.71 6.90
C ALA A 77 -10.44 4.03 6.14
N GLU A 78 -11.55 4.71 5.87
CA GLU A 78 -11.51 5.96 5.17
C GLU A 78 -10.70 7.02 5.91
N VAL A 79 -10.84 7.06 7.24
CA VAL A 79 -10.08 7.99 8.05
C VAL A 79 -8.59 7.73 7.90
N ILE A 80 -8.21 6.48 8.04
CA ILE A 80 -6.82 6.06 7.89
C ILE A 80 -6.25 6.45 6.51
N MET A 81 -7.04 6.27 5.46
CA MET A 81 -6.59 6.53 4.09
C MET A 81 -6.60 8.02 3.68
N THR A 82 -7.28 8.89 4.43
CA THR A 82 -7.52 10.28 4.01
C THR A 82 -6.95 11.37 4.89
N VAL A 83 -6.62 11.09 6.14
CA VAL A 83 -6.17 12.10 7.10
C VAL A 83 -4.66 12.07 7.33
N LEU A 84 -4.01 13.23 7.34
CA LEU A 84 -2.61 13.35 7.75
C LEU A 84 -2.49 13.37 9.26
N GLY A 103 7.64 7.15 8.25
CA GLY A 103 6.22 6.99 8.55
C GLY A 103 5.48 8.26 8.19
N VAL A 104 5.62 8.67 6.93
CA VAL A 104 4.89 9.83 6.39
C VAL A 104 3.40 9.46 6.17
N GLY A 105 3.12 8.18 5.89
CA GLY A 105 1.77 7.60 6.06
C GLY A 105 1.04 7.32 4.76
N VAL A 106 0.18 6.31 4.78
CA VAL A 106 -0.52 5.87 3.59
C VAL A 106 -1.42 6.98 2.97
N SER A 107 -1.89 7.92 3.77
CA SER A 107 -2.77 8.97 3.26
C SER A 107 -2.06 9.85 2.23
N VAL A 108 -0.74 10.03 2.41
CA VAL A 108 0.13 10.71 1.44
C VAL A 108 0.19 9.94 0.11
N VAL A 109 0.36 8.63 0.19
CA VAL A 109 0.37 7.75 -0.98
C VAL A 109 -0.93 7.93 -1.79
N ASN A 110 -2.03 7.93 -1.04
CA ASN A 110 -3.36 8.10 -1.59
C ASN A 110 -3.51 9.44 -2.32
N ALA A 111 -3.06 10.51 -1.66
CA ALA A 111 -3.09 11.85 -2.23
C ALA A 111 -2.33 11.94 -3.55
N LEU A 112 -1.24 11.19 -3.67
CA LEU A 112 -0.41 11.25 -4.86
C LEU A 112 -0.66 10.12 -5.86
N SER A 113 -1.83 9.47 -5.74
CA SER A 113 -2.23 8.37 -6.62
C SER A 113 -3.42 8.79 -7.44
N GLN A 114 -3.35 8.60 -8.76
CA GLN A 114 -4.54 8.84 -9.60
C GLN A 114 -5.69 7.94 -9.16
N LYS A 115 -5.33 6.75 -8.68
CA LYS A 115 -6.30 5.82 -8.15
C LYS A 115 -5.65 4.96 -7.05
N LEU A 116 -6.44 4.62 -6.05
CA LEU A 116 -6.01 3.70 -5.02
C LEU A 116 -7.20 2.81 -4.62
N GLU A 117 -6.93 1.52 -4.50
CA GLU A 117 -7.92 0.51 -4.19
C GLU A 117 -7.51 -0.14 -2.87
N LEU A 118 -8.42 -0.10 -1.91
CA LEU A 118 -8.28 -0.79 -0.62
C LEU A 118 -9.24 -1.97 -0.56
N VAL A 119 -8.72 -3.15 -0.25
CA VAL A 119 -9.53 -4.33 0.01
C VAL A 119 -9.11 -4.95 1.34
N ILE A 120 -10.07 -5.05 2.26
CA ILE A 120 -9.86 -5.59 3.56
C ILE A 120 -10.67 -6.90 3.70
N GLN A 121 -9.99 -7.92 4.20
CA GLN A 121 -10.61 -9.17 4.61
C GLN A 121 -10.58 -9.26 6.14
N ARG A 122 -11.76 -9.24 6.72
CA ARG A 122 -11.89 -9.14 8.16
C ARG A 122 -13.27 -9.59 8.59
N GLU A 123 -13.28 -10.32 9.70
CA GLU A 123 -14.49 -10.81 10.35
C GLU A 123 -15.41 -11.55 9.35
N GLY A 124 -14.82 -12.32 8.42
CA GLY A 124 -15.61 -13.10 7.46
C GLY A 124 -16.10 -12.36 6.21
N LYS A 125 -15.73 -11.08 6.05
CA LYS A 125 -16.26 -10.23 4.96
C LYS A 125 -15.15 -9.53 4.21
N ILE A 126 -15.36 -9.32 2.93
CA ILE A 126 -14.46 -8.52 2.10
C ILE A 126 -15.04 -7.11 2.04
N HIS A 127 -14.20 -6.10 2.30
CA HIS A 127 -14.59 -4.69 2.19
C HIS A 127 -13.69 -4.00 1.20
N ARG A 128 -14.26 -3.07 0.42
CA ARG A 128 -13.53 -2.39 -0.64
C ARG A 128 -13.91 -0.93 -0.75
N GLN A 129 -12.91 -0.10 -1.03
CA GLN A 129 -13.12 1.31 -1.35
C GLN A 129 -12.11 1.76 -2.38
N ILE A 130 -12.56 2.66 -3.26
CA ILE A 130 -11.74 3.21 -4.30
C ILE A 130 -11.57 4.70 -4.05
N TYR A 131 -10.36 5.19 -4.21
CA TYR A 131 -10.09 6.62 -4.16
C TYR A 131 -9.46 7.08 -5.49
N GLU A 132 -9.72 8.34 -5.82
CA GLU A 132 -8.99 9.02 -6.90
C GLU A 132 -8.41 10.30 -6.39
N HIS A 133 -7.09 10.42 -6.49
CA HIS A 133 -6.34 11.54 -5.92
C HIS A 133 -6.71 11.76 -4.44
N GLY A 134 -6.87 10.66 -3.71
CA GLY A 134 -7.21 10.72 -2.29
C GLY A 134 -8.67 10.84 -1.93
N VAL A 135 -9.53 11.09 -2.92
CA VAL A 135 -10.95 11.39 -2.70
C VAL A 135 -11.69 10.07 -2.88
N PRO A 136 -12.40 9.63 -1.84
CA PRO A 136 -13.14 8.38 -1.93
C PRO A 136 -14.27 8.50 -2.94
N GLN A 137 -14.49 7.45 -3.70
CA GLN A 137 -15.47 7.49 -4.78
C GLN A 137 -16.82 7.02 -4.33
N ALA A 138 -16.84 6.16 -3.31
CA ALA A 138 -18.05 5.70 -2.70
C ALA A 138 -17.70 5.20 -1.30
N PRO A 139 -18.68 5.06 -0.41
CA PRO A 139 -18.34 4.52 0.92
C PRO A 139 -17.73 3.12 0.87
N LEU A 140 -16.92 2.79 1.88
CA LEU A 140 -16.45 1.41 2.07
C LEU A 140 -17.64 0.46 1.98
N ALA A 141 -17.52 -0.58 1.16
CA ALA A 141 -18.65 -1.46 0.90
C ALA A 141 -18.24 -2.92 1.04
N VAL A 142 -19.17 -3.76 1.45
CA VAL A 142 -18.93 -5.20 1.46
C VAL A 142 -19.04 -5.80 0.04
N THR A 143 -18.05 -6.60 -0.35
CA THR A 143 -18.00 -7.20 -1.70
C THR A 143 -17.89 -8.72 -1.73
N GLY A 144 -18.07 -9.38 -0.60
CA GLY A 144 -18.01 -10.84 -0.56
C GLY A 144 -17.75 -11.35 0.85
N GLU A 145 -17.60 -12.66 0.93
CA GLU A 145 -17.24 -13.32 2.16
C GLU A 145 -15.89 -14.00 1.97
N THR A 146 -15.23 -14.27 3.08
CA THR A 146 -13.89 -14.81 3.02
C THR A 146 -13.58 -15.55 4.33
N GLU A 147 -12.72 -16.55 4.23
CA GLU A 147 -12.18 -17.27 5.38
C GLU A 147 -10.80 -16.73 5.80
N LYS A 148 -10.32 -15.67 5.14
CA LYS A 148 -8.97 -15.15 5.35
C LYS A 148 -9.06 -13.75 5.92
N THR A 149 -7.92 -13.25 6.38
CA THR A 149 -7.84 -11.93 6.90
C THR A 149 -6.66 -11.23 6.26
N GLY A 150 -6.77 -9.92 6.11
CA GLY A 150 -5.63 -9.09 5.72
C GLY A 150 -6.03 -7.85 4.97
N THR A 151 -5.04 -7.10 4.54
CA THR A 151 -5.28 -5.84 3.91
C THR A 151 -4.52 -5.86 2.59
N MET A 152 -5.15 -5.32 1.54
CA MET A 152 -4.51 -5.13 0.24
C MET A 152 -4.66 -3.68 -0.17
N VAL A 153 -3.55 -3.01 -0.46
CA VAL A 153 -3.56 -1.71 -1.09
C VAL A 153 -2.93 -1.84 -2.49
N ARG A 154 -3.64 -1.36 -3.49
CA ARG A 154 -3.13 -1.24 -4.85
C ARG A 154 -3.25 0.20 -5.29
N PHE A 155 -2.19 0.76 -5.86
CA PHE A 155 -2.28 2.15 -6.31
C PHE A 155 -1.59 2.39 -7.63
N TRP A 156 -2.13 3.37 -8.34
CA TRP A 156 -1.67 3.81 -9.61
C TRP A 156 -1.15 5.25 -9.35
N PRO A 157 0.16 5.46 -9.48
CA PRO A 157 0.72 6.75 -9.11
C PRO A 157 0.26 7.86 -10.07
N SER A 158 0.15 9.08 -9.53
CA SER A 158 -0.31 10.23 -10.30
C SER A 158 0.74 10.62 -11.32
N LEU A 159 0.33 10.64 -12.59
CA LEU A 159 1.24 11.10 -13.65
C LEU A 159 1.24 12.61 -13.79
N GLU A 160 0.44 13.32 -12.99
CA GLU A 160 0.62 14.76 -12.79
C GLU A 160 1.72 15.05 -11.78
N THR A 161 2.14 14.06 -10.99
CA THR A 161 3.12 14.25 -9.93
C THR A 161 4.49 13.74 -10.36
N PHE A 162 4.56 12.50 -10.82
CA PHE A 162 5.83 11.85 -11.09
C PHE A 162 6.21 12.03 -12.56
N THR A 163 7.49 12.32 -12.79
CA THR A 163 8.07 12.47 -14.12
C THR A 163 9.36 11.65 -14.24
N ASN A 164 9.76 11.38 -15.50
CA ASN A 164 11.00 10.68 -15.92
C ASN A 164 11.03 9.21 -15.58
N VAL A 165 10.82 8.91 -14.30
CA VAL A 165 10.68 7.55 -13.85
C VAL A 165 9.26 7.46 -13.33
N THR A 166 8.38 6.89 -14.14
CA THR A 166 6.96 6.73 -13.80
C THR A 166 6.59 5.28 -13.72
N GLU A 167 7.57 4.40 -13.88
CA GLU A 167 7.33 2.99 -13.72
C GLU A 167 8.18 2.47 -12.58
N PHE A 168 7.61 1.49 -11.89
CA PHE A 168 8.31 0.78 -10.83
C PHE A 168 9.44 -0.09 -11.37
N GLU A 169 10.56 -0.07 -10.65
CA GLU A 169 11.82 -0.69 -11.03
C GLU A 169 12.06 -1.80 -10.00
N TYR A 170 12.11 -3.04 -10.49
CA TYR A 170 12.14 -4.24 -9.67
C TYR A 170 13.31 -4.20 -8.67
N GLU A 171 14.50 -3.82 -9.12
CA GLU A 171 15.69 -3.93 -8.25
C GLU A 171 15.62 -2.98 -7.05
N ILE A 172 15.00 -1.81 -7.23
CA ILE A 172 14.80 -0.89 -6.10
C ILE A 172 13.92 -1.49 -5.03
N LEU A 173 12.83 -2.12 -5.45
CA LEU A 173 11.97 -2.78 -4.50
C LEU A 173 12.65 -4.01 -3.92
N ALA A 174 13.37 -4.76 -4.75
CA ALA A 174 13.98 -5.98 -4.27
C ALA A 174 15.05 -5.72 -3.18
N LYS A 175 15.86 -4.69 -3.38
CA LYS A 175 16.90 -4.34 -2.42
C LYS A 175 16.29 -4.04 -1.06
N ARG A 176 15.27 -3.19 -1.05
CA ARG A 176 14.66 -2.71 0.17
C ARG A 176 13.78 -3.77 0.86
N LEU A 177 13.02 -4.54 0.07
CA LEU A 177 12.21 -5.62 0.65
C LEU A 177 13.09 -6.70 1.27
N ARG A 178 14.19 -7.06 0.61
CA ARG A 178 15.17 -7.96 1.19
C ARG A 178 15.63 -7.43 2.57
N GLU A 179 16.06 -6.18 2.60
CA GLU A 179 16.42 -5.52 3.84
C GLU A 179 15.33 -5.61 4.91
N LEU A 180 14.10 -5.30 4.53
CA LEU A 180 13.02 -5.30 5.51
C LEU A 180 12.84 -6.70 6.09
N SER A 181 13.01 -7.73 5.26
CA SER A 181 12.88 -9.10 5.73
CA SER A 181 12.88 -9.12 5.70
C SER A 181 13.96 -9.51 6.73
N PHE A 182 15.18 -8.97 6.58
CA PHE A 182 16.21 -9.31 7.56
C PHE A 182 16.20 -8.46 8.82
N LEU A 183 15.64 -7.26 8.71
CA LEU A 183 15.41 -6.40 9.85
C LEU A 183 14.19 -6.83 10.69
N ASN A 184 13.29 -7.64 10.12
CA ASN A 184 12.08 -8.12 10.80
C ASN A 184 12.03 -9.63 10.63
N SER A 185 12.97 -10.32 11.28
CA SER A 185 13.21 -11.75 11.06
C SER A 185 11.94 -12.53 11.34
N GLY A 186 11.65 -13.52 10.49
CA GLY A 186 10.41 -14.28 10.60
C GLY A 186 9.35 -13.87 9.60
N VAL A 187 9.33 -12.61 9.13
CA VAL A 187 8.37 -12.18 8.12
C VAL A 187 8.77 -12.66 6.73
N SER A 188 7.81 -13.16 5.99
CA SER A 188 8.03 -13.62 4.65
C SER A 188 7.59 -12.45 3.76
N ILE A 189 8.49 -12.00 2.89
CA ILE A 189 8.15 -10.98 1.93
C ILE A 189 8.37 -11.52 0.54
N ARG A 190 7.31 -11.50 -0.27
CA ARG A 190 7.39 -11.97 -1.64
C ARG A 190 7.26 -10.78 -2.57
N LEU A 191 8.09 -10.76 -3.61
CA LEU A 191 8.05 -9.74 -4.64
C LEU A 191 7.77 -10.41 -5.98
N ARG A 192 6.78 -9.90 -6.70
CA ARG A 192 6.32 -10.48 -7.96
CA ARG A 192 6.32 -10.49 -7.98
C ARG A 192 6.20 -9.40 -9.01
N ASP A 193 6.75 -9.64 -10.21
CA ASP A 193 6.61 -8.68 -11.34
C ASP A 193 5.76 -9.32 -12.46
N LYS A 194 4.54 -8.84 -12.64
CA LYS A 194 3.67 -9.32 -13.72
C LYS A 194 4.15 -8.96 -15.11
N ARG A 195 5.09 -8.02 -15.22
CA ARG A 195 5.58 -7.64 -16.53
C ARG A 195 6.52 -8.68 -17.15
N ASP A 196 7.13 -9.53 -16.33
CA ASP A 196 8.03 -10.57 -16.83
C ASP A 196 8.07 -11.89 -16.07
N GLY A 197 7.16 -12.09 -15.12
CA GLY A 197 7.13 -13.31 -14.33
C GLY A 197 8.18 -13.50 -13.26
N LYS A 198 9.04 -12.51 -13.05
CA LYS A 198 10.10 -12.56 -12.05
C LYS A 198 9.48 -12.60 -10.67
N GLU A 199 10.02 -13.43 -9.79
CA GLU A 199 9.53 -13.52 -8.43
C GLU A 199 10.69 -13.76 -7.47
N ASP A 200 10.64 -13.16 -6.30
CA ASP A 200 11.62 -13.39 -5.24
C ASP A 200 10.88 -13.65 -3.92
N HIS A 201 11.50 -14.45 -3.06
CA HIS A 201 11.01 -14.72 -1.70
C HIS A 201 12.11 -14.34 -0.67
N PHE A 202 11.87 -13.30 0.12
CA PHE A 202 12.77 -12.86 1.16
C PHE A 202 12.26 -13.26 2.55
N HIS A 203 12.97 -14.16 3.22
N HIS A 203 12.98 -14.15 3.22
CA HIS A 203 12.68 -14.52 4.61
CA HIS A 203 12.67 -14.60 4.60
C HIS A 203 13.96 -15.01 5.25
C HIS A 203 13.99 -14.98 5.24
N TYR A 204 14.17 -14.59 6.49
CA TYR A 204 15.40 -14.85 7.23
C TYR A 204 15.08 -15.53 8.56
N GLU A 205 15.93 -16.50 8.90
CA GLU A 205 15.90 -17.23 10.17
C GLU A 205 17.26 -17.15 10.82
CAW CWW B . -3.23 0.47 10.82
CAV CWW B . -4.05 1.33 11.42
BR CWW B . -3.66 3.14 11.88
CAU CWW B . -5.22 0.79 11.68
NAT CWW B . -5.15 -0.44 11.23
NAS CWW B . -3.91 -0.66 10.71
CAR CWW B . -3.62 -1.86 10.19
CAQ CWW B . -2.97 -1.93 8.95
CAP CWW B . -2.70 -3.19 8.35
NAY CWW B . -2.08 -3.47 7.18
CAZ CWW B . -1.84 -2.58 6.18
OBB CWW B . -2.15 -1.39 6.23
NBA CWW B . -1.26 -3.11 5.08
CBC CWW B . -0.95 -2.34 3.87
CBD CWW B . -1.15 -3.24 2.64
NAO CWW B . -3.11 -4.30 8.99
CAN CWW B . -3.78 -4.24 10.23
CAM CWW B . -4.07 -3.04 10.85
CAK CWW B . -4.71 -3.05 12.12
OAL CWW B . -4.14 -2.50 13.06
NAH CWW B . -5.85 -3.77 12.27
CAE CWW B . -6.51 -3.90 13.45
CAF CWW B . -5.92 -4.01 14.72
CAA CWW B . -6.67 -4.16 15.89
CAB CWW B . -8.05 -4.25 15.81
NAC CWW B . -8.69 -4.16 14.56
CAD CWW B . -7.91 -3.99 13.39
#